data_4O8Z
#
_entry.id   4O8Z
#
_cell.length_a   116.317
_cell.length_b   116.317
_cell.length_c   45.655
_cell.angle_alpha   90.00
_cell.angle_beta   90.00
_cell.angle_gamma   120.00
#
_symmetry.space_group_name_H-M   'P 65'
#
loop_
_entity.id
_entity.type
_entity.pdbx_description
1 polymer 'NAD-dependent protein deacetylase sirtuin-3, mitochondrial'
2 non-polymer 'ZINC ION'
3 non-polymer (2-butyl-1-benzofuran-3-yl){4-[2-(diethylamino)ethoxy]-3,5-diiodophenyl}methanone
4 water water
#
_entity_poly.entity_id   1
_entity_poly.type   'polypeptide(L)'
_entity_poly.pdbx_seq_one_letter_code
;HHHHHHDYDIPTTENLYFQGSSDKGKLSLQDVAELIRARACQRVVVMVGAGISTPSGIPDFRSPGSGLYSNLQQYDLPYP
EAIFELPFFFHNPKPFFTLAKELYPGNYKPNVTHYFLRLLHDKGLLLRLYTQNIDGLERVSGIPASKLVEAHGTFASATC
TVCQRPFPGEDIRADVMADRVPRCPVCTGVVKPDIVFFGEPLPQRFLLHVVDFPMADLLLILGTSLEVEPFASLTEAVRS
SVPRLLINRDLVGPLAWHPRSRDVAQLGDVVHGVESLVELLGWTEEMRDLVQRETGKLDGPDK
;
_entity_poly.pdbx_strand_id   A
#
loop_
_chem_comp.id
_chem_comp.type
_chem_comp.name
_chem_comp.formula
BBI non-polymer (2-butyl-1-benzofuran-3-yl){4-[2-(diethylamino)ethoxy]-3,5-diiodophenyl}methanone 'C25 H29 I2 N O3'
ZN non-polymer 'ZINC ION' 'Zn 2'
#
# COMPACT_ATOMS: atom_id res chain seq x y z
N LYS A 26 -10.01 22.55 -17.93
CA LYS A 26 -9.56 21.25 -17.41
C LYS A 26 -8.06 21.17 -17.08
N LEU A 27 -7.75 20.45 -16.01
CA LEU A 27 -6.45 20.53 -15.40
C LEU A 27 -5.47 19.60 -16.01
N SER A 28 -4.21 19.94 -15.89
CA SER A 28 -3.11 19.15 -16.40
C SER A 28 -2.32 18.64 -15.19
N LEU A 29 -1.42 17.67 -15.43
CA LEU A 29 -0.48 17.24 -14.37
C LEU A 29 0.29 18.45 -13.80
N GLN A 30 0.68 19.37 -14.69
N GLN A 30 0.67 19.39 -14.67
CA GLN A 30 1.40 20.59 -14.28
CA GLN A 30 1.41 20.59 -14.21
C GLN A 30 0.56 21.43 -13.33
C GLN A 30 0.55 21.43 -13.29
N ASP A 31 -0.74 21.54 -13.58
CA ASP A 31 -1.63 22.27 -12.73
C ASP A 31 -1.68 21.68 -11.34
N VAL A 32 -1.66 20.34 -11.24
CA VAL A 32 -1.73 19.72 -9.93
C VAL A 32 -0.45 19.98 -9.19
N ALA A 33 0.67 19.87 -9.90
CA ALA A 33 1.96 20.15 -9.25
C ALA A 33 2.05 21.62 -8.68
N GLU A 34 1.51 22.56 -9.44
CA GLU A 34 1.48 23.96 -9.03
C GLU A 34 0.61 24.13 -7.82
N LEU A 35 -0.51 23.42 -7.70
CA LEU A 35 -1.31 23.47 -6.48
C LEU A 35 -0.53 22.96 -5.27
N ILE A 36 0.25 21.93 -5.47
CA ILE A 36 1.05 21.38 -4.40
C ILE A 36 2.20 22.31 -4.03
N ARG A 37 2.89 22.82 -5.03
CA ARG A 37 3.97 23.78 -4.75
C ARG A 37 3.51 25.01 -3.97
N ALA A 38 2.32 25.48 -4.29
CA ALA A 38 1.73 26.64 -3.66
C ALA A 38 1.13 26.28 -2.30
N ARG A 39 1.06 24.98 -1.97
CA ARG A 39 0.43 24.56 -0.74
C ARG A 39 -1.02 24.88 -0.75
N ALA A 40 -1.61 25.00 -1.93
CA ALA A 40 -3.02 25.16 -2.05
C ALA A 40 -3.73 23.84 -1.75
N CYS A 41 -3.07 22.74 -2.05
CA CYS A 41 -3.48 21.41 -1.58
C CYS A 41 -2.48 21.00 -0.50
N GLN A 42 -2.95 20.95 0.73
CA GLN A 42 -2.13 20.56 1.86
C GLN A 42 -2.59 19.39 2.64
N ARG A 43 -3.80 18.89 2.37
CA ARG A 43 -4.42 17.74 3.03
C ARG A 43 -4.66 16.61 1.96
N VAL A 44 -3.58 16.03 1.47
CA VAL A 44 -3.65 15.11 0.32
C VAL A 44 -4.03 13.73 0.87
N VAL A 45 -5.09 13.17 0.32
CA VAL A 45 -5.38 11.73 0.50
C VAL A 45 -4.91 10.91 -0.70
N VAL A 46 -4.10 9.90 -0.41
CA VAL A 46 -3.51 9.05 -1.45
C VAL A 46 -4.11 7.62 -1.37
N MET A 47 -4.51 7.05 -2.53
CA MET A 47 -4.99 5.67 -2.58
C MET A 47 -4.09 4.95 -3.57
N VAL A 48 -3.46 3.86 -3.09
CA VAL A 48 -2.48 3.13 -3.89
C VAL A 48 -2.78 1.63 -3.99
N GLY A 49 -2.38 1.07 -5.11
CA GLY A 49 -2.52 -0.36 -5.31
C GLY A 49 -1.29 -1.01 -5.90
N ALA A 50 -1.53 -2.18 -6.52
CA ALA A 50 -0.39 -3.05 -6.94
C ALA A 50 0.53 -2.43 -7.93
N GLY A 51 -0.01 -1.56 -8.80
CA GLY A 51 0.81 -0.89 -9.72
C GLY A 51 1.99 -0.17 -9.17
N ILE A 52 1.99 0.25 -7.88
CA ILE A 52 3.19 0.92 -7.40
C ILE A 52 4.25 -0.02 -6.84
N SER A 53 3.90 -1.27 -6.70
CA SER A 53 4.84 -2.24 -6.10
C SER A 53 5.32 -3.31 -7.05
N THR A 54 4.63 -3.53 -8.16
CA THR A 54 5.26 -4.37 -9.21
C THR A 54 6.67 -3.88 -9.67
N PRO A 55 6.93 -2.55 -9.69
CA PRO A 55 8.30 -2.14 -10.04
C PRO A 55 9.35 -2.46 -9.02
N SER A 56 8.96 -2.71 -7.76
CA SER A 56 9.94 -3.14 -6.74
C SER A 56 10.21 -4.63 -6.83
N GLY A 57 9.52 -5.28 -7.74
CA GLY A 57 9.62 -6.72 -7.85
C GLY A 57 8.60 -7.56 -7.08
N ILE A 58 7.48 -7.00 -6.61
CA ILE A 58 6.40 -7.78 -5.92
C ILE A 58 5.14 -8.14 -6.80
N PRO A 59 4.59 -9.42 -6.79
CA PRO A 59 3.40 -9.54 -7.71
C PRO A 59 2.06 -8.88 -7.24
N ASP A 60 1.09 -8.70 -8.15
CA ASP A 60 -0.29 -8.27 -7.72
C ASP A 60 -0.99 -9.48 -7.02
N PHE A 61 -1.44 -9.32 -5.77
CA PHE A 61 -2.10 -10.45 -5.01
C PHE A 61 -3.62 -10.56 -5.20
N SER A 63 0.89 -17.67 -10.27
CA SER A 63 1.78 -16.90 -11.16
C SER A 63 3.18 -17.59 -11.40
N PRO A 64 3.29 -18.44 -12.43
CA PRO A 64 4.53 -19.24 -12.58
C PRO A 64 5.82 -18.47 -12.92
N GLY A 65 6.94 -18.88 -12.30
CA GLY A 65 8.29 -18.51 -12.74
C GLY A 65 9.23 -17.87 -11.72
N SER A 66 8.70 -17.46 -10.57
CA SER A 66 9.49 -16.78 -9.53
C SER A 66 9.98 -17.73 -8.42
N GLY A 67 10.94 -17.26 -7.64
CA GLY A 67 11.43 -17.99 -6.47
C GLY A 67 10.28 -18.32 -5.52
N LEU A 68 9.49 -17.28 -5.18
CA LEU A 68 8.26 -17.44 -4.37
C LEU A 68 7.42 -18.61 -4.88
N TYR A 69 6.97 -18.55 -6.14
CA TYR A 69 6.06 -19.56 -6.69
C TYR A 69 6.69 -20.96 -6.63
N SER A 70 8.00 -21.05 -6.97
CA SER A 70 8.74 -22.33 -6.90
C SER A 70 8.68 -22.92 -5.49
N ASN A 71 8.73 -22.03 -4.50
CA ASN A 71 8.59 -22.43 -3.09
C ASN A 71 7.16 -22.74 -2.58
N LEU A 72 6.10 -22.06 -3.04
CA LEU A 72 4.75 -22.28 -2.41
C LEU A 72 3.93 -23.10 -3.34
N GLN A 73 3.70 -22.45 -4.49
CA GLN A 73 2.76 -22.92 -5.48
C GLN A 73 3.22 -24.24 -6.03
N GLN A 74 4.46 -24.62 -5.69
CA GLN A 74 4.92 -25.98 -5.90
C GLN A 74 5.14 -26.78 -4.60
N TYR A 75 6.02 -26.35 -3.69
CA TYR A 75 6.26 -27.18 -2.49
C TYR A 75 4.92 -27.52 -1.79
N ASP A 76 3.97 -26.55 -1.60
CA ASP A 76 2.58 -26.93 -1.17
C ASP A 76 1.35 -25.91 -1.00
N LEU A 77 0.84 -25.26 -2.07
CA LEU A 77 -0.60 -24.72 -2.15
C LEU A 77 -1.57 -25.50 -3.11
N PRO A 78 -2.80 -25.82 -2.69
CA PRO A 78 -3.81 -26.49 -3.55
C PRO A 78 -4.56 -25.62 -4.58
N TYR A 79 -4.65 -24.32 -4.32
CA TYR A 79 -5.27 -23.34 -5.22
C TYR A 79 -4.63 -22.01 -4.66
N PRO A 80 -4.44 -20.98 -5.49
CA PRO A 80 -3.72 -19.78 -5.00
C PRO A 80 -4.29 -19.07 -3.80
N GLU A 81 -5.61 -19.00 -3.73
CA GLU A 81 -6.34 -18.24 -2.74
C GLU A 81 -6.22 -18.87 -1.36
N ALA A 82 -5.88 -20.16 -1.28
CA ALA A 82 -5.85 -20.87 0.02
C ALA A 82 -4.88 -20.14 0.96
N ILE A 83 -3.88 -19.49 0.38
CA ILE A 83 -2.87 -18.85 1.20
C ILE A 83 -3.51 -17.76 2.05
N PHE A 84 -4.66 -17.22 1.57
CA PHE A 84 -5.35 -16.18 2.31
C PHE A 84 -6.69 -16.62 2.89
N GLU A 85 -6.82 -17.91 3.15
CA GLU A 85 -8.03 -18.47 3.72
C GLU A 85 -7.75 -19.01 5.07
N LEU A 86 -8.60 -18.67 6.03
CA LEU A 86 -8.39 -19.09 7.40
C LEU A 86 -8.44 -20.62 7.63
N PRO A 87 -9.44 -21.32 7.07
CA PRO A 87 -9.47 -22.77 7.35
C PRO A 87 -8.18 -23.49 6.88
N PHE A 88 -7.73 -23.17 5.68
CA PHE A 88 -6.45 -23.65 5.21
C PHE A 88 -5.34 -23.25 6.13
N PHE A 89 -5.30 -21.97 6.51
CA PHE A 89 -4.28 -21.50 7.36
C PHE A 89 -4.21 -22.38 8.60
N PHE A 90 -5.34 -22.70 9.23
CA PHE A 90 -5.22 -23.44 10.49
C PHE A 90 -4.82 -24.90 10.22
N HIS A 91 -5.18 -25.39 9.06
CA HIS A 91 -4.75 -26.71 8.64
C HIS A 91 -3.26 -26.72 8.39
N ASN A 92 -2.73 -25.70 7.70
CA ASN A 92 -1.33 -25.68 7.35
C ASN A 92 -0.90 -24.24 7.16
N PRO A 93 -0.27 -23.67 8.20
CA PRO A 93 0.13 -22.25 8.10
C PRO A 93 1.42 -22.06 7.30
N LYS A 94 2.07 -23.14 6.87
CA LYS A 94 3.44 -22.96 6.27
C LYS A 94 3.49 -22.16 4.96
N PRO A 95 2.55 -22.40 4.04
CA PRO A 95 2.57 -21.60 2.82
C PRO A 95 2.43 -20.08 3.05
N PHE A 96 1.53 -19.72 3.97
CA PHE A 96 1.38 -18.35 4.33
C PHE A 96 2.65 -17.80 4.98
N PHE A 97 3.27 -18.54 5.89
CA PHE A 97 4.48 -18.05 6.44
C PHE A 97 5.67 -17.99 5.49
N THR A 98 5.63 -18.79 4.46
CA THR A 98 6.67 -18.67 3.36
C THR A 98 6.52 -17.30 2.68
N LEU A 99 5.28 -16.90 2.45
CA LEU A 99 4.97 -15.52 1.93
C LEU A 99 5.41 -14.45 2.88
N ALA A 100 5.08 -14.55 4.17
CA ALA A 100 5.53 -13.64 5.16
C ALA A 100 7.03 -13.51 5.18
N LYS A 101 7.72 -14.63 5.09
CA LYS A 101 9.17 -14.55 5.14
C LYS A 101 9.70 -13.79 3.90
N GLU A 102 9.17 -14.08 2.75
CA GLU A 102 9.59 -13.40 1.51
C GLU A 102 9.30 -11.88 1.56
N LEU A 103 8.12 -11.48 2.10
CA LEU A 103 7.67 -10.08 2.14
C LEU A 103 8.01 -9.35 3.36
N TYR A 104 8.60 -10.00 4.36
CA TYR A 104 8.82 -9.28 5.61
C TYR A 104 9.76 -8.07 5.33
N PRO A 105 9.64 -6.97 6.10
CA PRO A 105 10.43 -5.76 5.83
C PRO A 105 11.89 -6.02 5.73
N GLY A 106 12.52 -5.47 4.68
CA GLY A 106 13.96 -5.63 4.44
C GLY A 106 14.33 -6.35 3.14
N ASN A 107 13.44 -7.18 2.63
CA ASN A 107 13.70 -7.98 1.47
C ASN A 107 13.55 -7.19 0.17
N TYR A 108 12.55 -6.35 0.09
CA TYR A 108 12.25 -5.61 -1.11
C TYR A 108 12.46 -4.13 -0.84
N LYS A 109 12.80 -3.36 -1.84
CA LYS A 109 13.08 -1.93 -1.66
C LYS A 109 11.91 -1.08 -2.18
N PRO A 110 11.58 0.00 -1.46
CA PRO A 110 10.62 0.98 -1.96
C PRO A 110 11.16 1.56 -3.25
N ASN A 111 10.29 1.91 -4.16
CA ASN A 111 10.74 2.59 -5.38
C ASN A 111 10.32 4.07 -5.37
N VAL A 112 10.49 4.74 -6.49
CA VAL A 112 10.29 6.17 -6.54
C VAL A 112 8.90 6.57 -6.17
N THR A 113 7.92 5.73 -6.45
CA THR A 113 6.56 6.03 -6.05
C THR A 113 6.42 6.11 -4.54
N HIS A 114 7.01 5.18 -3.81
CA HIS A 114 6.91 5.23 -2.36
C HIS A 114 7.67 6.45 -1.84
N TYR A 115 8.86 6.74 -2.38
CA TYR A 115 9.60 7.86 -1.85
C TYR A 115 8.94 9.20 -2.20
N PHE A 116 8.16 9.24 -3.27
CA PHE A 116 7.35 10.44 -3.55
C PHE A 116 6.40 10.66 -2.39
N LEU A 117 5.76 9.60 -1.94
CA LEU A 117 4.76 9.73 -0.86
C LEU A 117 5.46 10.06 0.46
N ARG A 118 6.67 9.55 0.65
CA ARG A 118 7.53 9.92 1.79
C ARG A 118 7.82 11.41 1.80
N LEU A 119 8.16 11.98 0.63
CA LEU A 119 8.41 13.44 0.54
C LEU A 119 7.15 14.24 0.79
N LEU A 120 6.02 13.74 0.28
CA LEU A 120 4.79 14.40 0.52
C LEU A 120 4.52 14.47 2.04
N HIS A 121 4.79 13.38 2.73
CA HIS A 121 4.59 13.38 4.16
C HIS A 121 5.59 14.32 4.82
N ASP A 122 6.85 14.26 4.46
CA ASP A 122 7.90 15.03 5.13
C ASP A 122 7.64 16.54 4.91
N LYS A 123 6.89 16.91 3.86
CA LYS A 123 6.55 18.34 3.63
C LYS A 123 5.26 18.76 4.26
N GLY A 124 4.64 17.91 5.06
CA GLY A 124 3.43 18.26 5.78
C GLY A 124 2.20 18.22 4.90
N LEU A 125 2.24 17.56 3.76
CA LEU A 125 1.11 17.64 2.84
C LEU A 125 0.18 16.41 2.85
N LEU A 126 0.61 15.32 3.49
CA LEU A 126 -0.17 14.08 3.45
C LEU A 126 -1.13 13.97 4.62
N LEU A 127 -2.42 13.91 4.32
CA LEU A 127 -3.43 13.63 5.33
C LEU A 127 -3.46 12.11 5.67
N ARG A 128 -3.49 11.28 4.63
CA ARG A 128 -3.56 9.82 4.83
C ARG A 128 -3.23 9.15 3.52
N LEU A 129 -2.55 8.04 3.70
CA LEU A 129 -2.29 7.08 2.58
C LEU A 129 -3.01 5.76 2.82
N TYR A 130 -3.97 5.46 1.96
CA TYR A 130 -4.72 4.24 1.93
C TYR A 130 -4.05 3.29 0.94
N THR A 131 -3.63 2.13 1.39
CA THR A 131 -2.97 1.17 0.48
C THR A 131 -3.72 -0.16 0.43
N GLN A 132 -3.82 -0.71 -0.78
CA GLN A 132 -4.33 -2.04 -0.98
C GLN A 132 -3.21 -3.10 -0.91
N ASN A 133 -1.97 -2.68 -0.79
CA ASN A 133 -0.82 -3.58 -0.89
C ASN A 133 -0.46 -4.15 0.49
N ILE A 134 0.14 -5.34 0.50
CA ILE A 134 0.60 -5.87 1.80
C ILE A 134 2.09 -5.94 1.93
N ASP A 135 2.78 -5.32 0.99
CA ASP A 135 4.24 -5.41 0.96
C ASP A 135 4.89 -4.57 2.00
N GLY A 136 4.14 -3.66 2.62
CA GLY A 136 4.73 -2.91 3.66
C GLY A 136 5.71 -1.80 3.24
N LEU A 137 5.78 -1.52 1.95
CA LEU A 137 6.85 -0.63 1.50
C LEU A 137 6.57 0.79 1.86
N GLU A 138 5.30 1.15 2.11
CA GLU A 138 5.04 2.51 2.59
C GLU A 138 5.76 2.77 3.92
N ARG A 139 5.63 1.83 4.88
CA ARG A 139 6.39 1.97 6.13
C ARG A 139 7.87 1.86 5.96
N VAL A 140 8.33 1.00 5.06
CA VAL A 140 9.77 0.88 4.90
C VAL A 140 10.38 2.17 4.33
N SER A 141 9.59 2.89 3.53
CA SER A 141 10.05 4.17 2.95
C SER A 141 10.15 5.25 4.03
N GLY A 142 9.50 4.98 5.17
CA GLY A 142 9.60 5.82 6.34
C GLY A 142 8.36 6.62 6.64
N ILE A 143 7.21 6.24 6.11
CA ILE A 143 6.00 6.94 6.40
C ILE A 143 5.46 6.35 7.70
N PRO A 144 5.13 7.19 8.71
CA PRO A 144 4.70 6.62 9.99
C PRO A 144 3.35 5.90 9.90
N ALA A 145 3.18 4.91 10.76
CA ALA A 145 1.93 4.14 10.82
C ALA A 145 0.68 5.01 10.91
N SER A 146 0.77 6.12 11.63
CA SER A 146 -0.43 6.91 11.84
C SER A 146 -0.95 7.63 10.60
N LYS A 147 -0.11 7.75 9.57
CA LYS A 147 -0.53 8.31 8.29
C LYS A 147 -1.09 7.25 7.35
N LEU A 148 -0.98 5.99 7.75
CA LEU A 148 -1.35 4.88 6.87
C LEU A 148 -2.64 4.24 7.23
N VAL A 149 -3.35 3.80 6.24
CA VAL A 149 -4.47 2.88 6.42
C VAL A 149 -4.18 1.68 5.47
N GLU A 150 -3.69 0.60 6.10
CA GLU A 150 -3.31 -0.59 5.39
C GLU A 150 -4.53 -1.45 5.31
N ALA A 151 -5.28 -1.21 4.27
CA ALA A 151 -6.63 -1.73 4.20
C ALA A 151 -6.72 -3.24 4.02
N HIS A 152 -5.69 -3.88 3.50
CA HIS A 152 -5.67 -5.32 3.36
C HIS A 152 -4.75 -5.93 4.42
N GLY A 153 -4.36 -5.11 5.37
CA GLY A 153 -3.59 -5.56 6.51
C GLY A 153 -2.11 -5.36 6.31
N THR A 154 -1.34 -5.84 7.28
CA THR A 154 0.08 -5.57 7.34
C THR A 154 0.84 -6.69 8.06
N PHE A 155 2.12 -6.82 7.72
CA PHE A 155 3.08 -7.65 8.46
C PHE A 155 3.70 -6.92 9.59
N ALA A 156 3.35 -5.63 9.77
CA ALA A 156 3.99 -4.84 10.81
C ALA A 156 3.46 -5.15 12.17
N SER A 157 2.35 -5.86 12.27
CA SER A 157 1.77 -6.25 13.53
C SER A 157 1.17 -7.69 13.34
N ALA A 158 0.91 -8.37 14.44
CA ALA A 158 0.42 -9.75 14.42
C ALA A 158 -0.46 -9.94 15.63
N THR A 159 -1.32 -10.95 15.54
CA THR A 159 -2.31 -11.21 16.57
C THR A 159 -2.40 -12.68 16.88
N CYS A 160 -2.43 -13.03 18.17
CA CYS A 160 -2.70 -14.44 18.55
C CYS A 160 -4.08 -14.83 18.08
N THR A 161 -4.14 -15.93 17.33
CA THR A 161 -5.38 -16.40 16.81
C THR A 161 -6.34 -16.96 17.85
N VAL A 162 -5.89 -17.23 19.06
CA VAL A 162 -6.74 -17.80 20.09
C VAL A 162 -7.12 -16.69 21.04
N CYS A 163 -6.18 -16.07 21.70
CA CYS A 163 -6.52 -15.06 22.78
C CYS A 163 -6.61 -13.58 22.31
N GLN A 164 -6.18 -13.30 21.06
CA GLN A 164 -6.25 -11.98 20.43
C GLN A 164 -5.23 -10.92 20.91
N ARG A 165 -4.25 -11.38 21.64
CA ARG A 165 -3.16 -10.54 22.08
C ARG A 165 -2.42 -10.03 20.87
N PRO A 166 -2.20 -8.70 20.79
CA PRO A 166 -1.47 -8.15 19.66
C PRO A 166 0.04 -8.14 19.91
N PHE A 167 0.82 -8.15 18.85
CA PHE A 167 2.25 -8.08 18.94
C PHE A 167 2.78 -7.22 17.79
N PRO A 168 3.88 -6.51 18.04
CA PRO A 168 4.61 -5.93 16.92
C PRO A 168 5.18 -7.03 16.03
N GLY A 169 5.24 -6.73 14.75
CA GLY A 169 5.74 -7.65 13.74
C GLY A 169 7.16 -8.06 14.04
N GLU A 170 7.95 -7.16 14.64
CA GLU A 170 9.32 -7.49 15.05
C GLU A 170 9.42 -8.63 16.02
N ASP A 171 8.41 -8.77 16.86
CA ASP A 171 8.37 -9.82 17.84
C ASP A 171 8.29 -11.24 17.31
N ILE A 172 7.83 -11.43 16.07
CA ILE A 172 7.76 -12.79 15.51
C ILE A 172 8.75 -12.96 14.37
N ARG A 173 9.59 -11.93 14.16
CA ARG A 173 10.50 -11.94 13.03
C ARG A 173 11.51 -13.10 13.12
N ALA A 174 12.11 -13.32 14.26
CA ALA A 174 13.08 -14.42 14.39
C ALA A 174 12.45 -15.73 13.97
N ASP A 175 11.22 -15.99 14.45
CA ASP A 175 10.49 -17.18 14.07
C ASP A 175 10.21 -17.23 12.61
N VAL A 176 9.66 -16.17 12.03
CA VAL A 176 9.37 -16.17 10.61
C VAL A 176 10.65 -16.44 9.76
N MET A 177 11.78 -15.81 10.10
CA MET A 177 13.01 -15.96 9.33
C MET A 177 13.63 -17.33 9.50
N ALA A 178 13.29 -18.00 10.60
CA ALA A 178 13.72 -19.36 10.85
C ALA A 178 12.76 -20.47 10.49
N ASP A 179 11.67 -20.16 9.79
CA ASP A 179 10.66 -21.10 9.42
C ASP A 179 9.96 -21.77 10.61
N ARG A 180 9.76 -21.06 11.71
CA ARG A 180 8.96 -21.58 12.77
C ARG A 180 7.63 -20.82 12.78
N VAL A 181 6.55 -21.51 13.05
CA VAL A 181 5.25 -20.89 13.20
C VAL A 181 5.22 -20.21 14.57
N PRO A 182 5.08 -18.89 14.59
CA PRO A 182 5.13 -18.19 15.86
C PRO A 182 3.95 -18.50 16.80
N ARG A 183 4.21 -18.53 18.10
CA ARG A 183 3.24 -18.97 19.10
C ARG A 183 3.13 -17.90 20.22
N CYS A 184 1.95 -17.78 20.74
CA CYS A 184 1.68 -16.79 21.75
C CYS A 184 2.36 -17.21 23.10
N PRO A 185 3.16 -16.34 23.69
CA PRO A 185 3.70 -16.73 25.00
C PRO A 185 2.72 -16.76 26.14
N VAL A 186 1.49 -16.29 25.96
CA VAL A 186 0.52 -16.40 27.04
C VAL A 186 -0.24 -17.70 26.91
N CYS A 187 -0.78 -17.94 25.72
CA CYS A 187 -1.70 -19.07 25.54
C CYS A 187 -1.27 -20.18 24.59
N THR A 188 -0.13 -20.00 23.92
CA THR A 188 0.44 -20.94 22.93
C THR A 188 -0.35 -21.04 21.62
N GLY A 189 -1.35 -20.15 21.38
CA GLY A 189 -2.00 -20.06 20.10
C GLY A 189 -1.04 -19.64 18.98
N VAL A 190 -1.39 -19.99 17.77
CA VAL A 190 -0.67 -19.53 16.60
C VAL A 190 -0.83 -18.00 16.50
N VAL A 191 0.28 -17.29 16.33
CA VAL A 191 0.24 -15.86 16.14
C VAL A 191 0.33 -15.52 14.65
N LYS A 192 -0.68 -14.81 14.16
CA LYS A 192 -0.80 -14.61 12.74
C LYS A 192 -0.56 -13.15 12.42
N PRO A 193 0.33 -12.89 11.48
CA PRO A 193 0.36 -11.50 10.93
C PRO A 193 -0.97 -10.93 10.52
N ASP A 194 -1.12 -9.59 10.70
CA ASP A 194 -2.40 -8.90 10.56
C ASP A 194 -2.76 -8.62 9.10
N ILE A 195 -2.61 -9.64 8.27
CA ILE A 195 -3.05 -9.61 6.90
C ILE A 195 -4.52 -9.99 6.88
N VAL A 196 -5.29 -9.29 6.06
CA VAL A 196 -6.74 -9.55 6.00
C VAL A 196 -7.00 -10.75 5.16
N PHE A 197 -7.67 -11.76 5.71
CA PHE A 197 -7.90 -13.00 4.98
C PHE A 197 -9.30 -12.96 4.39
N PHE A 198 -9.53 -13.83 3.41
CA PHE A 198 -10.89 -13.93 2.77
C PHE A 198 -11.97 -13.96 3.79
N GLY A 199 -12.95 -13.09 3.56
CA GLY A 199 -14.13 -13.09 4.37
C GLY A 199 -13.96 -12.40 5.69
N GLU A 200 -12.78 -11.90 6.01
CA GLU A 200 -12.66 -11.15 7.23
C GLU A 200 -13.07 -9.66 6.94
N PRO A 201 -13.44 -8.93 7.98
CA PRO A 201 -13.74 -7.49 7.92
C PRO A 201 -12.46 -6.68 7.65
N LEU A 202 -12.59 -5.52 7.01
CA LEU A 202 -11.45 -4.63 6.89
C LEU A 202 -11.01 -4.14 8.25
N PRO A 203 -9.73 -3.72 8.41
CA PRO A 203 -9.33 -3.28 9.71
C PRO A 203 -10.09 -2.03 10.18
N GLN A 204 -10.09 -1.84 11.48
CA GLN A 204 -10.80 -0.73 12.13
C GLN A 204 -10.32 0.64 11.59
N ARG A 205 -9.02 0.79 11.31
CA ARG A 205 -8.50 2.06 10.80
C ARG A 205 -9.10 2.45 9.49
N PHE A 206 -9.66 1.49 8.76
CA PHE A 206 -10.30 1.83 7.57
C PHE A 206 -11.45 2.81 7.79
N LEU A 207 -12.04 2.82 8.99
CA LEU A 207 -13.12 3.77 9.24
C LEU A 207 -12.66 5.24 9.35
N LEU A 208 -11.36 5.50 9.34
CA LEU A 208 -10.86 6.85 9.14
C LEU A 208 -11.37 7.48 7.85
N HIS A 209 -11.90 6.69 6.92
CA HIS A 209 -12.33 7.28 5.68
C HIS A 209 -13.44 8.28 5.93
N VAL A 210 -14.20 8.04 7.01
CA VAL A 210 -15.34 8.87 7.34
C VAL A 210 -14.90 10.31 7.59
N VAL A 211 -13.76 10.51 8.22
CA VAL A 211 -13.29 11.86 8.50
C VAL A 211 -12.30 12.35 7.43
N ASP A 212 -11.52 11.42 6.87
CA ASP A 212 -10.49 11.77 5.91
C ASP A 212 -11.05 12.29 4.59
N PHE A 213 -12.04 11.63 4.02
CA PHE A 213 -12.43 11.98 2.67
C PHE A 213 -13.07 13.37 2.54
N PRO A 214 -13.87 13.79 3.52
CA PRO A 214 -14.45 15.15 3.58
C PRO A 214 -13.42 16.21 3.76
N MET A 215 -12.31 15.84 4.37
CA MET A 215 -11.26 16.74 4.70
C MET A 215 -10.25 16.88 3.57
N ALA A 216 -10.22 15.93 2.63
CA ALA A 216 -9.22 15.99 1.56
C ALA A 216 -9.42 17.23 0.67
N ASP A 217 -8.32 17.85 0.34
CA ASP A 217 -8.33 18.90 -0.68
C ASP A 217 -7.60 18.48 -1.97
N LEU A 218 -7.07 17.24 -1.98
CA LEU A 218 -6.64 16.64 -3.25
C LEU A 218 -6.72 15.10 -3.11
N LEU A 219 -7.13 14.41 -4.18
CA LEU A 219 -7.16 12.92 -4.13
C LEU A 219 -6.17 12.42 -5.20
N LEU A 220 -5.16 11.68 -4.76
CA LEU A 220 -4.19 11.09 -5.67
C LEU A 220 -4.40 9.55 -5.67
N ILE A 221 -4.48 8.93 -6.83
CA ILE A 221 -4.71 7.50 -6.95
C ILE A 221 -3.58 6.92 -7.79
N LEU A 222 -2.74 6.07 -7.20
CA LEU A 222 -1.56 5.55 -7.90
C LEU A 222 -1.63 4.03 -8.08
N GLY A 223 -1.46 3.58 -9.30
CA GLY A 223 -1.23 2.17 -9.63
C GLY A 223 -2.44 1.26 -9.33
N THR A 224 -3.66 1.81 -9.39
CA THR A 224 -4.87 1.04 -9.33
C THR A 224 -5.94 1.90 -9.97
N SER A 225 -7.05 1.30 -10.37
CA SER A 225 -8.17 2.06 -10.85
C SER A 225 -9.34 1.99 -9.88
N LEU A 226 -9.17 1.22 -8.79
CA LEU A 226 -10.13 1.19 -7.67
C LEU A 226 -11.51 0.79 -8.18
N GLU A 227 -11.56 -0.31 -8.90
CA GLU A 227 -12.78 -0.74 -9.55
C GLU A 227 -13.69 -1.55 -8.60
N VAL A 228 -13.20 -1.84 -7.41
CA VAL A 228 -13.86 -2.81 -6.54
C VAL A 228 -14.21 -2.11 -5.23
N GLU A 229 -15.43 -2.36 -4.77
CA GLU A 229 -15.91 -1.79 -3.52
C GLU A 229 -15.14 -2.38 -2.38
N PRO A 230 -14.99 -1.64 -1.28
CA PRO A 230 -15.46 -0.28 -0.96
C PRO A 230 -14.56 0.85 -1.49
N PHE A 231 -13.39 0.56 -2.02
CA PHE A 231 -12.54 1.66 -2.58
C PHE A 231 -13.19 2.45 -3.71
N ALA A 232 -13.93 1.77 -4.55
CA ALA A 232 -14.58 2.45 -5.68
C ALA A 232 -15.43 3.61 -5.22
N SER A 233 -16.23 3.37 -4.20
CA SER A 233 -17.12 4.42 -3.74
C SER A 233 -16.36 5.56 -3.09
N LEU A 234 -15.24 5.26 -2.46
CA LEU A 234 -14.45 6.25 -1.82
C LEU A 234 -13.94 7.31 -2.83
N THR A 235 -13.70 6.95 -4.09
CA THR A 235 -13.28 7.95 -5.06
C THR A 235 -14.29 9.10 -5.20
N GLU A 236 -15.54 8.84 -4.83
CA GLU A 236 -16.58 9.84 -4.95
C GLU A 236 -16.87 10.51 -3.65
N ALA A 237 -16.16 10.15 -2.58
CA ALA A 237 -16.40 10.74 -1.26
C ALA A 237 -15.68 12.07 -1.01
N VAL A 238 -14.77 12.46 -1.89
CA VAL A 238 -14.19 13.79 -1.77
C VAL A 238 -15.19 14.81 -2.31
N ARG A 239 -15.04 16.03 -1.87
CA ARG A 239 -15.95 17.11 -2.28
C ARG A 239 -15.76 17.44 -3.73
N SER A 240 -16.78 18.06 -4.31
CA SER A 240 -16.85 18.24 -5.76
C SER A 240 -15.81 19.13 -6.34
N SER A 241 -15.19 19.97 -5.52
CA SER A 241 -14.21 20.88 -6.07
C SER A 241 -12.79 20.26 -5.97
N VAL A 242 -12.69 19.04 -5.41
CA VAL A 242 -11.38 18.46 -5.12
C VAL A 242 -10.86 17.81 -6.37
N PRO A 243 -9.67 18.21 -6.81
CA PRO A 243 -9.10 17.50 -7.96
C PRO A 243 -8.79 16.04 -7.60
N ARG A 244 -8.91 15.16 -8.58
CA ARG A 244 -8.59 13.74 -8.46
C ARG A 244 -7.60 13.41 -9.54
N LEU A 245 -6.36 13.07 -9.18
CA LEU A 245 -5.28 12.73 -10.09
C LEU A 245 -5.10 11.20 -10.09
N LEU A 246 -5.30 10.61 -11.24
CA LEU A 246 -5.12 9.16 -11.50
C LEU A 246 -3.81 8.97 -12.23
N ILE A 247 -2.86 8.27 -11.63
CA ILE A 247 -1.68 7.85 -12.32
C ILE A 247 -1.74 6.32 -12.36
N ASN A 248 -2.04 5.81 -13.53
CA ASN A 248 -2.45 4.44 -13.71
C ASN A 248 -2.25 4.10 -15.18
N ARG A 249 -2.18 2.80 -15.47
CA ARG A 249 -2.01 2.39 -16.88
C ARG A 249 -3.12 2.93 -17.78
N ASP A 250 -4.34 2.81 -17.35
CA ASP A 250 -5.46 3.26 -18.12
C ASP A 250 -6.46 4.09 -17.31
N LEU A 251 -7.25 4.85 -18.05
CA LEU A 251 -8.39 5.57 -17.52
C LEU A 251 -9.56 4.64 -17.62
N VAL A 252 -9.77 3.91 -16.56
CA VAL A 252 -10.81 2.96 -16.41
C VAL A 252 -11.23 3.05 -14.96
N GLY A 253 -12.29 2.34 -14.63
CA GLY A 253 -12.86 2.39 -13.28
C GLY A 253 -13.72 3.62 -13.03
N PRO A 254 -14.08 3.86 -11.79
CA PRO A 254 -14.96 4.92 -11.32
C PRO A 254 -14.59 6.33 -11.80
N LEU A 255 -13.31 6.62 -11.89
CA LEU A 255 -12.88 7.90 -12.45
C LEU A 255 -13.21 8.02 -13.92
N ALA A 256 -13.28 6.90 -14.61
CA ALA A 256 -13.67 6.89 -16.00
C ALA A 256 -15.17 6.88 -16.13
N TRP A 257 -15.84 6.14 -15.25
CA TRP A 257 -17.27 5.99 -15.42
C TRP A 257 -17.99 7.30 -15.08
N HIS A 258 -17.47 8.02 -14.07
CA HIS A 258 -18.07 9.25 -13.56
C HIS A 258 -17.08 10.37 -13.41
N PRO A 259 -16.62 10.89 -14.50
CA PRO A 259 -15.58 11.87 -14.39
C PRO A 259 -16.07 13.19 -13.82
N ARG A 260 -15.12 13.94 -13.26
CA ARG A 260 -15.39 15.25 -12.66
C ARG A 260 -14.53 16.28 -13.31
N SER A 261 -14.95 17.53 -13.18
CA SER A 261 -14.36 18.52 -14.05
C SER A 261 -12.95 18.82 -13.64
N ARG A 262 -12.58 18.56 -12.38
CA ARG A 262 -11.18 18.76 -11.94
C ARG A 262 -10.34 17.43 -11.86
N ASP A 263 -10.72 16.45 -12.64
CA ASP A 263 -9.96 15.21 -12.73
C ASP A 263 -8.82 15.35 -13.66
N VAL A 264 -7.79 14.59 -13.39
CA VAL A 264 -6.63 14.58 -14.23
C VAL A 264 -6.21 13.10 -14.34
N ALA A 265 -5.81 12.70 -15.55
CA ALA A 265 -5.24 11.36 -15.78
C ALA A 265 -3.81 11.40 -16.35
N GLN A 266 -2.86 10.75 -15.67
CA GLN A 266 -1.55 10.59 -16.21
C GLN A 266 -1.41 9.05 -16.50
N LEU A 267 -1.52 8.70 -17.78
CA LEU A 267 -1.59 7.31 -18.19
C LEU A 267 -0.26 6.72 -18.65
N GLY A 268 -0.19 5.41 -18.71
CA GLY A 268 0.99 4.70 -19.19
C GLY A 268 1.68 4.11 -17.99
N ASP A 269 2.99 4.33 -17.90
CA ASP A 269 3.80 3.77 -16.84
C ASP A 269 3.68 4.64 -15.59
N VAL A 270 3.32 4.03 -14.47
CA VAL A 270 3.08 4.75 -13.25
C VAL A 270 4.38 5.29 -12.70
N VAL A 271 5.50 4.60 -12.94
CA VAL A 271 6.80 5.07 -12.52
C VAL A 271 7.17 6.36 -13.26
N HIS A 272 7.12 6.32 -14.58
CA HIS A 272 7.33 7.56 -15.38
C HIS A 272 6.37 8.67 -14.93
N GLY A 273 5.11 8.33 -14.70
CA GLY A 273 4.11 9.28 -14.24
C GLY A 273 4.53 10.01 -12.97
N VAL A 274 5.00 9.25 -11.98
CA VAL A 274 5.41 9.81 -10.72
C VAL A 274 6.68 10.61 -10.93
N GLU A 275 7.60 10.07 -11.71
CA GLU A 275 8.83 10.76 -11.93
C GLU A 275 8.61 12.17 -12.58
N SER A 276 7.70 12.20 -13.55
CA SER A 276 7.22 13.39 -14.22
C SER A 276 6.64 14.40 -13.22
N LEU A 277 5.74 13.92 -12.33
CA LEU A 277 5.15 14.77 -11.32
C LEU A 277 6.23 15.30 -10.35
N VAL A 278 7.17 14.45 -9.94
CA VAL A 278 8.31 14.82 -9.09
C VAL A 278 9.14 15.97 -9.76
N GLU A 279 9.36 15.90 -11.07
CA GLU A 279 10.12 16.92 -11.74
C GLU A 279 9.32 18.22 -11.84
N LEU A 280 8.05 18.14 -12.19
CA LEU A 280 7.19 19.32 -12.14
C LEU A 280 7.10 19.97 -10.77
N LEU A 281 7.20 19.16 -9.71
CA LEU A 281 7.19 19.67 -8.37
C LEU A 281 8.52 20.35 -8.01
N GLY A 282 9.57 20.06 -8.77
CA GLY A 282 10.92 20.51 -8.50
C GLY A 282 11.58 19.66 -7.44
N TRP A 283 11.15 18.40 -7.26
CA TRP A 283 11.67 17.59 -6.16
C TRP A 283 12.70 16.57 -6.59
N THR A 284 13.12 16.63 -7.83
CA THR A 284 13.97 15.58 -8.40
C THR A 284 15.27 15.40 -7.62
N GLU A 285 15.94 16.51 -7.30
CA GLU A 285 17.23 16.40 -6.60
C GLU A 285 17.01 15.95 -5.14
N GLU A 286 15.98 16.46 -4.52
CA GLU A 286 15.66 16.09 -3.18
C GLU A 286 15.32 14.59 -3.11
N MET A 287 14.67 14.07 -4.16
CA MET A 287 14.36 12.64 -4.29
C MET A 287 15.65 11.84 -4.39
N ARG A 288 16.57 12.28 -5.22
CA ARG A 288 17.85 11.61 -5.41
C ARG A 288 18.61 11.55 -4.07
N ASP A 289 18.66 12.66 -3.33
CA ASP A 289 19.25 12.69 -1.99
C ASP A 289 18.54 11.76 -0.96
N LEU A 290 17.22 11.79 -0.93
CA LEU A 290 16.42 10.88 -0.10
C LEU A 290 16.72 9.41 -0.41
N VAL A 291 16.68 9.05 -1.68
CA VAL A 291 16.92 7.68 -2.02
C VAL A 291 18.34 7.26 -1.60
N GLN A 292 19.32 8.11 -1.87
CA GLN A 292 20.69 7.74 -1.52
C GLN A 292 20.91 7.59 0.00
N ARG A 293 20.41 8.51 0.82
CA ARG A 293 20.35 8.31 2.27
C ARG A 293 19.63 7.00 2.62
N GLU A 294 18.47 6.75 1.99
CA GLU A 294 17.60 5.65 2.46
C GLU A 294 18.15 4.30 2.08
N THR A 295 18.70 4.18 0.89
CA THR A 295 19.27 2.91 0.45
C THR A 295 20.64 2.70 1.13
N GLY A 296 21.26 3.78 1.60
CA GLY A 296 22.41 3.70 2.49
C GLY A 296 22.06 2.96 3.78
N LYS A 297 21.02 3.43 4.46
CA LYS A 297 20.58 2.85 5.72
C LYS A 297 19.98 1.43 5.65
N LEU A 298 19.28 1.07 4.59
CA LEU A 298 18.71 -0.30 4.43
C LEU A 298 19.84 -1.32 4.23
ZN ZN B . -2.63 -16.07 22.90
CAA BBI C . -14.46 -5.82 1.63
CAB BBI C . -13.23 -5.81 0.70
CAC BBI C . -12.28 -7.01 0.98
CAD BBI C . -10.85 -6.73 0.45
CAE BBI C . -9.96 -8.00 0.30
OAF BBI C . -9.78 -8.91 1.30
CAG BBI C . -8.92 -9.88 0.78
CAH BBI C . -8.43 -10.98 1.33
CAI BBI C . -7.56 -11.81 0.64
CAJ BBI C . -7.22 -11.48 -0.66
CAK BBI C . -7.76 -10.33 -1.20
CAL BBI C . -8.59 -9.56 -0.47
CAM BBI C . -9.23 -8.41 -0.77
CAN BBI C . -9.07 -7.85 -1.98
OAO BBI C . -7.94 -7.63 -2.39
CAP BBI C . -10.12 -8.00 -2.86
CBE BBI C . -11.41 -8.20 -2.39
CBC BBI C . -12.46 -8.39 -3.24
IBD BBI C . -14.31 -8.66 -2.40
CAQ BBI C . -9.91 -8.02 -4.24
CAR BBI C . -10.98 -8.21 -5.10
IAS BBI C . -10.70 -8.25 -7.13
CAT BBI C . -12.25 -8.41 -4.60
OAU BBI C . -13.34 -8.60 -5.43
CAV BBI C . -13.11 -9.04 -6.76
CAW BBI C . -14.02 -8.14 -7.58
NAX BBI C . -14.83 -9.00 -8.47
CBA BBI C . -14.15 -9.45 -9.68
CBB BBI C . -14.34 -8.37 -10.74
CAY BBI C . -16.10 -8.35 -8.74
CAZ BBI C . -15.83 -7.26 -9.80
#